data_9H0I
#
_entry.id   9H0I
#
_cell.length_a   43.201
_cell.length_b   62.736
_cell.length_c   187.143
_cell.angle_alpha   90.000
_cell.angle_beta   90.000
_cell.angle_gamma   90.000
#
_symmetry.space_group_name_H-M   'P 21 21 21'
#
loop_
_entity.id
_entity.type
_entity.pdbx_description
1 polymer 'Abscisic acid receptor PYL1'
2 polymer 'Protein phosphatase 2C 16'
3 non-polymer ~{N}-[(4-cyano-3-cyclopropyl-phenyl)methyl]-4-methyl-benzenesulfonamide
4 non-polymer 'MANGANESE (II) ION'
5 non-polymer 'CHLORIDE ION'
6 water water
#
loop_
_entity_poly.entity_id
_entity_poly.type
_entity_poly.pdbx_seq_one_letter_code
_entity_poly.pdbx_strand_id
1 'polypeptide(L)'
;MDNNKAEADTSSSMADPETRPTYTTHHLAIPSGVTQDEFDELKQSVVEFHTYQLSQNQCSSLLAQRIRAPNDVVWSIVRR
FDQPQTYKHFIKSCSVSDNFTMAVGSTRDVNVISGLPAATSTERLDILDDDRQVTGFSIIGGEHRLRNYRSVTSVHGFNR
DGAICTVVLESYVVDVPEGNTEEDTRLFADTVVKLNLQKLVSVAESQVI
;
A
2 'polypeptide(L)'
;SVYELDCIPLWGVVSIQGNRSEMEDAFAVSPHFLKLPIKMLMGDHEGMSPSLTHLTGHFFGVYDGHGGHKVADYCRDRLH
FALAEEIERIKDELCKRNTGEGRQVQWDKVFTSCFLTVDGEIEGKIGRAVVGSSDKVLEAVASETVGSTAVVALVCSSHI
VVSNCGDSRAVLFRGKEAMPLSVDHKPDREDEYARIENAGGKVIQWQGARVFGVLAMSRSIGDRYLKPYVIPEPEVTFMP
RSREDECLILASDGLWDVMNNQEVCEIARRRILMWHKKNGAPPLAERGKGIDPACQAAADYLSMLALQKGSKDNISIIVI
DLKAQRKFKTRT
;
B
#
loop_
_chem_comp.id
_chem_comp.type
_chem_comp.name
_chem_comp.formula
A1IRN non-polymer ~{N}-[(4-cyano-3-cyclopropyl-phenyl)methyl]-4-methyl-benzenesulfonamide 'C18 H18 N2 O2 S'
CL non-polymer 'CHLORIDE ION' 'Cl -1'
MN non-polymer 'MANGANESE (II) ION' 'Mn 2'
#
# COMPACT_ATOMS: atom_id res chain seq x y z
N PRO A 21 -25.95 -33.60 -7.12
CA PRO A 21 -25.29 -32.37 -6.64
C PRO A 21 -24.26 -32.62 -5.53
N THR A 22 -23.19 -31.84 -5.57
CA THR A 22 -22.09 -31.90 -4.59
C THR A 22 -22.26 -30.81 -3.55
N TYR A 23 -21.92 -31.13 -2.30
CA TYR A 23 -22.03 -30.17 -1.20
C TYR A 23 -20.72 -30.03 -0.47
N THR A 24 -20.46 -28.84 0.06
CA THR A 24 -19.34 -28.65 0.96
C THR A 24 -19.50 -29.55 2.19
N THR A 25 -18.38 -29.83 2.85
CA THR A 25 -18.38 -30.69 4.04
C THR A 25 -17.59 -30.02 5.15
N HIS A 26 -17.82 -28.73 5.37
CA HIS A 26 -17.08 -28.04 6.41
C HIS A 26 -17.34 -28.61 7.79
N HIS A 27 -18.39 -29.42 7.96
CA HIS A 27 -18.62 -30.02 9.27
C HIS A 27 -17.61 -31.10 9.62
N LEU A 28 -16.78 -31.55 8.67
CA LEU A 28 -15.86 -32.64 8.95
C LEU A 28 -14.55 -32.20 9.60
N ALA A 29 -14.28 -30.90 9.68
CA ALA A 29 -13.03 -30.44 10.29
C ALA A 29 -13.31 -29.31 11.26
N ILE A 30 -12.65 -29.34 12.42
CA ILE A 30 -12.73 -28.24 13.37
C ILE A 30 -12.02 -27.03 12.77
N PRO A 31 -12.67 -25.89 12.60
CA PRO A 31 -11.96 -24.73 12.09
C PRO A 31 -10.95 -24.24 13.12
N SER A 32 -9.83 -23.75 12.60
CA SER A 32 -8.83 -23.13 13.47
C SER A 32 -9.49 -22.07 14.34
N GLY A 33 -9.10 -22.02 15.62
CA GLY A 33 -9.64 -21.05 16.54
C GLY A 33 -10.78 -21.55 17.41
N VAL A 34 -11.29 -22.76 17.18
CA VAL A 34 -12.41 -23.31 17.93
C VAL A 34 -11.94 -24.56 18.70
N THR A 35 -12.47 -24.78 19.91
CA THR A 35 -12.14 -25.98 20.67
C THR A 35 -13.03 -27.15 20.27
N GLN A 36 -12.56 -28.36 20.59
CA GLN A 36 -13.37 -29.53 20.33
C GLN A 36 -14.71 -29.46 21.05
N ASP A 37 -14.71 -28.95 22.28
CA ASP A 37 -15.98 -28.85 23.01
C ASP A 37 -16.92 -27.86 22.34
N GLU A 38 -16.41 -26.69 21.96
CA GLU A 38 -17.23 -25.74 21.21
C GLU A 38 -17.75 -26.35 19.92
N PHE A 39 -16.90 -27.10 19.21
CA PHE A 39 -17.31 -27.61 17.92
C PHE A 39 -18.37 -28.68 18.03
N ASP A 40 -18.47 -29.37 19.17
CA ASP A 40 -19.58 -30.29 19.40
C ASP A 40 -20.92 -29.55 19.24
N GLU A 41 -20.96 -28.29 19.65
CA GLU A 41 -22.15 -27.47 19.42
C GLU A 41 -22.12 -26.84 18.02
N LEU A 42 -21.01 -26.19 17.66
CA LEU A 42 -20.97 -25.44 16.41
C LEU A 42 -21.14 -26.33 15.19
N LYS A 43 -20.76 -27.61 15.30
CA LYS A 43 -20.88 -28.51 14.16
C LYS A 43 -22.31 -28.53 13.63
N GLN A 44 -23.30 -28.45 14.53
CA GLN A 44 -24.69 -28.46 14.09
C GLN A 44 -25.01 -27.19 13.29
N SER A 45 -24.42 -26.06 13.70
CA SER A 45 -24.62 -24.80 12.97
C SER A 45 -23.95 -24.80 11.60
N VAL A 46 -22.82 -25.52 11.46
CA VAL A 46 -22.18 -25.62 10.15
C VAL A 46 -23.11 -26.33 9.17
N VAL A 47 -23.74 -27.40 9.64
CA VAL A 47 -24.73 -28.12 8.84
C VAL A 47 -25.88 -27.19 8.47
N GLU A 48 -26.41 -26.45 9.45
CA GLU A 48 -27.60 -25.61 9.22
C GLU A 48 -27.33 -24.46 8.26
N PHE A 49 -26.25 -23.72 8.50
CA PHE A 49 -26.05 -22.40 7.89
C PHE A 49 -24.89 -22.33 6.91
N HIS A 50 -23.93 -23.28 6.96
CA HIS A 50 -22.67 -23.15 6.24
C HIS A 50 -22.42 -24.33 5.29
N THR A 51 -23.49 -24.89 4.74
CA THR A 51 -23.42 -25.93 3.73
C THR A 51 -23.89 -25.35 2.41
N TYR A 52 -23.05 -25.45 1.39
CA TYR A 52 -23.37 -24.98 0.05
C TYR A 52 -23.38 -26.14 -0.95
N GLN A 53 -24.28 -26.04 -1.90
CA GLN A 53 -24.19 -26.84 -3.11
C GLN A 53 -23.12 -26.25 -4.00
N LEU A 54 -22.22 -27.08 -4.49
CA LEU A 54 -21.09 -26.63 -5.28
C LEU A 54 -21.41 -26.79 -6.76
N SER A 55 -21.14 -25.76 -7.54
CA SER A 55 -21.10 -25.96 -8.98
C SER A 55 -19.65 -26.20 -9.38
N GLN A 56 -19.42 -26.38 -10.67
CA GLN A 56 -18.07 -26.66 -11.15
C GLN A 56 -17.15 -25.46 -10.94
N ASN A 57 -15.87 -25.75 -10.70
CA ASN A 57 -14.84 -24.72 -10.65
C ASN A 57 -15.09 -23.72 -9.52
N GLN A 58 -15.58 -24.21 -8.38
CA GLN A 58 -15.79 -23.38 -7.21
C GLN A 58 -14.88 -23.78 -6.05
N CYS A 59 -14.72 -22.83 -5.14
CA CYS A 59 -13.86 -22.90 -3.95
C CYS A 59 -14.75 -22.55 -2.77
N SER A 60 -14.53 -23.17 -1.61
CA SER A 60 -15.31 -22.82 -0.44
C SER A 60 -14.49 -23.00 0.83
N SER A 61 -14.77 -22.17 1.82
CA SER A 61 -14.00 -22.17 3.06
C SER A 61 -14.91 -21.79 4.22
N LEU A 62 -14.54 -22.25 5.42
CA LEU A 62 -15.20 -21.91 6.68
C LEU A 62 -14.14 -21.36 7.63
N LEU A 63 -14.36 -20.15 8.15
CA LEU A 63 -13.46 -19.51 9.10
C LEU A 63 -14.20 -19.25 10.40
N ALA A 64 -13.46 -19.16 11.49
CA ALA A 64 -14.06 -18.98 12.81
C ALA A 64 -13.22 -17.98 13.59
N GLN A 65 -13.88 -17.22 14.45
CA GLN A 65 -13.18 -16.21 15.24
C GLN A 65 -13.82 -16.09 16.61
N ARG A 66 -13.03 -16.26 17.67
CA ARG A 66 -13.48 -16.04 19.05
C ARG A 66 -13.45 -14.55 19.38
N ILE A 67 -14.47 -14.09 20.09
CA ILE A 67 -14.62 -12.69 20.47
C ILE A 67 -15.07 -12.62 21.94
N ARG A 68 -14.31 -11.89 22.74
CA ARG A 68 -14.59 -11.72 24.17
C ARG A 68 -15.65 -10.63 24.32
N ALA A 69 -16.84 -10.94 23.85
CA ALA A 69 -18.00 -10.05 23.96
C ALA A 69 -19.26 -10.89 23.87
N PRO A 70 -20.39 -10.38 24.34
CA PRO A 70 -21.64 -11.14 24.29
C PRO A 70 -22.17 -11.23 22.86
N ASN A 71 -22.89 -12.31 22.55
CA ASN A 71 -23.23 -12.55 21.15
C ASN A 71 -24.20 -11.49 20.63
N ASP A 72 -25.03 -10.90 21.50
CA ASP A 72 -25.93 -9.84 21.05
C ASP A 72 -25.15 -8.61 20.59
N VAL A 73 -24.03 -8.30 21.26
CA VAL A 73 -23.20 -7.17 20.82
C VAL A 73 -22.62 -7.46 19.44
N VAL A 74 -22.03 -8.64 19.28
CA VAL A 74 -21.41 -9.02 18.01
C VAL A 74 -22.47 -9.03 16.90
N TRP A 75 -23.64 -9.63 17.20
CA TRP A 75 -24.72 -9.66 16.22
C TRP A 75 -25.12 -8.24 15.81
N SER A 76 -25.24 -7.34 16.78
CA SER A 76 -25.69 -5.99 16.43
C SER A 76 -24.73 -5.31 15.45
N ILE A 77 -23.45 -5.66 15.48
CA ILE A 77 -22.46 -5.11 14.54
C ILE A 77 -22.61 -5.74 13.16
N VAL A 78 -22.55 -7.09 13.09
CA VAL A 78 -22.40 -7.76 11.80
C VAL A 78 -23.71 -7.75 11.02
N ARG A 79 -24.85 -7.50 11.68
CA ARG A 79 -26.12 -7.43 10.97
C ARG A 79 -26.28 -6.14 10.15
N ARG A 80 -25.40 -5.17 10.32
CA ARG A 80 -25.57 -3.87 9.67
C ARG A 80 -25.10 -3.95 8.22
N PHE A 81 -26.00 -4.44 7.36
CA PHE A 81 -25.66 -4.64 5.95
C PHE A 81 -25.23 -3.34 5.27
N ASP A 82 -25.78 -2.21 5.70
CA ASP A 82 -25.44 -0.89 5.15
C ASP A 82 -24.08 -0.36 5.61
N GLN A 83 -23.43 -1.01 6.57
CA GLN A 83 -22.22 -0.44 7.15
C GLN A 83 -21.09 -1.45 7.31
N PRO A 84 -20.71 -2.17 6.25
CA PRO A 84 -19.66 -3.17 6.39
C PRO A 84 -18.33 -2.56 6.79
N GLN A 85 -18.08 -1.29 6.49
CA GLN A 85 -16.79 -0.70 6.82
C GLN A 85 -16.59 -0.60 8.33
N THR A 86 -17.65 -0.78 9.12
CA THR A 86 -17.50 -0.68 10.57
C THR A 86 -16.82 -1.91 11.15
N TYR A 87 -16.89 -3.07 10.47
CA TYR A 87 -16.22 -4.26 10.98
C TYR A 87 -15.41 -4.98 9.90
N LYS A 88 -15.17 -4.35 8.75
CA LYS A 88 -14.31 -4.94 7.72
C LYS A 88 -13.29 -3.90 7.26
N HIS A 89 -12.12 -4.39 6.86
CA HIS A 89 -11.10 -3.60 6.20
C HIS A 89 -11.42 -3.42 4.71
N PHE A 90 -10.61 -2.58 4.06
CA PHE A 90 -10.52 -2.40 2.60
C PHE A 90 -11.67 -1.62 1.97
N ILE A 91 -12.60 -1.07 2.74
CA ILE A 91 -13.80 -0.45 2.15
C ILE A 91 -13.61 1.05 2.21
N LYS A 92 -13.59 1.70 1.05
CA LYS A 92 -13.46 3.15 1.03
C LYS A 92 -14.81 3.80 1.29
N SER A 93 -15.88 3.25 0.72
CA SER A 93 -17.21 3.81 0.88
C SER A 93 -18.20 2.69 0.61
N CYS A 94 -19.41 2.87 1.14
CA CYS A 94 -20.50 1.92 0.91
C CYS A 94 -21.77 2.74 0.82
N SER A 95 -22.49 2.61 -0.27
CA SER A 95 -23.73 3.38 -0.42
C SER A 95 -24.90 2.42 -0.59
N VAL A 96 -26.02 2.80 -0.01
CA VAL A 96 -27.29 2.10 -0.19
C VAL A 96 -28.31 3.12 -0.66
N SER A 97 -29.46 2.59 -1.09
CA SER A 97 -30.52 3.43 -1.65
C SER A 97 -31.10 4.38 -0.60
N ASP A 98 -31.63 5.51 -1.07
CA ASP A 98 -32.29 6.44 -0.15
C ASP A 98 -33.48 5.78 0.53
N ASN A 99 -34.14 4.86 -0.16
CA ASN A 99 -35.25 4.11 0.43
C ASN A 99 -34.82 2.75 0.95
N PHE A 100 -33.56 2.64 1.40
CA PHE A 100 -33.04 1.41 1.97
C PHE A 100 -33.78 1.05 3.25
N THR A 101 -34.16 -0.22 3.37
CA THR A 101 -34.92 -0.68 4.51
C THR A 101 -34.26 -1.85 5.21
N MET A 102 -33.17 -2.37 4.65
CA MET A 102 -32.50 -3.57 5.12
C MET A 102 -33.38 -4.81 5.07
N ALA A 103 -34.38 -4.84 4.20
CA ALA A 103 -35.04 -6.11 3.94
C ALA A 103 -34.09 -7.02 3.16
N VAL A 104 -34.31 -8.34 3.30
CA VAL A 104 -33.64 -9.27 2.40
C VAL A 104 -33.93 -8.84 0.97
N GLY A 105 -32.89 -8.80 0.13
CA GLY A 105 -32.98 -8.31 -1.22
C GLY A 105 -32.41 -6.90 -1.40
N SER A 106 -32.12 -6.22 -0.30
CA SER A 106 -31.40 -4.95 -0.36
C SER A 106 -30.06 -5.14 -1.05
N THR A 107 -29.59 -4.08 -1.71
CA THR A 107 -28.27 -4.08 -2.30
C THR A 107 -27.44 -2.95 -1.72
N ARG A 108 -26.13 -3.07 -1.93
CA ARG A 108 -25.17 -2.07 -1.48
C ARG A 108 -24.08 -2.02 -2.52
N ASP A 109 -23.56 -0.82 -2.74
CA ASP A 109 -22.45 -0.61 -3.66
C ASP A 109 -21.23 -0.23 -2.85
N VAL A 110 -20.20 -1.06 -2.92
CA VAL A 110 -18.99 -0.90 -2.13
C VAL A 110 -17.87 -0.42 -3.05
N ASN A 111 -17.14 0.60 -2.62
CA ASN A 111 -15.91 1.04 -3.28
C ASN A 111 -14.74 0.56 -2.43
N VAL A 112 -13.81 -0.15 -3.03
CA VAL A 112 -12.65 -0.66 -2.28
C VAL A 112 -11.53 0.37 -2.29
N ILE A 113 -10.66 0.30 -1.27
CA ILE A 113 -9.50 1.19 -1.24
C ILE A 113 -8.56 0.83 -2.39
N SER A 114 -7.66 1.75 -2.71
CA SER A 114 -6.73 1.58 -3.82
C SER A 114 -5.70 0.49 -3.52
N GLY A 115 -5.08 0.00 -4.58
CA GLY A 115 -3.97 -0.92 -4.43
C GLY A 115 -4.35 -2.37 -4.39
N LEU A 116 -5.62 -2.70 -4.59
CA LEU A 116 -6.09 -4.07 -4.49
C LEU A 116 -6.54 -4.60 -5.84
N PRO A 117 -6.70 -5.96 -5.98
CA PRO A 117 -7.19 -6.55 -7.23
C PRO A 117 -8.70 -6.46 -7.36
N ALA A 118 -9.24 -5.29 -7.02
CA ALA A 118 -10.68 -5.06 -6.98
C ALA A 118 -10.87 -3.56 -6.90
N ALA A 119 -11.98 -3.09 -7.42
CA ALA A 119 -12.29 -1.67 -7.36
C ALA A 119 -13.68 -1.41 -6.81
N THR A 120 -14.67 -2.19 -7.24
CA THR A 120 -16.05 -1.99 -6.78
C THR A 120 -16.75 -3.32 -6.63
N SER A 121 -17.80 -3.33 -5.81
CA SER A 121 -18.57 -4.54 -5.63
C SER A 121 -20.02 -4.16 -5.40
N THR A 122 -20.93 -4.83 -6.10
CA THR A 122 -22.37 -4.74 -5.84
C THR A 122 -22.83 -6.02 -5.16
N GLU A 123 -23.48 -5.87 -4.01
CA GLU A 123 -23.77 -7.00 -3.14
C GLU A 123 -25.23 -6.98 -2.73
N ARG A 124 -25.81 -8.16 -2.57
CA ARG A 124 -27.21 -8.31 -2.24
C ARG A 124 -27.36 -9.07 -0.93
N LEU A 125 -28.21 -8.55 -0.05
CA LEU A 125 -28.51 -9.20 1.23
C LEU A 125 -29.40 -10.42 1.00
N ASP A 126 -28.88 -11.63 1.30
CA ASP A 126 -29.60 -12.89 1.13
C ASP A 126 -30.34 -13.35 2.39
N ILE A 127 -29.74 -13.14 3.55
CA ILE A 127 -30.24 -13.69 4.81
C ILE A 127 -30.09 -12.58 5.84
N LEU A 128 -31.13 -12.35 6.64
CA LEU A 128 -31.01 -11.43 7.78
C LEU A 128 -31.99 -11.98 8.83
N ASP A 129 -31.48 -12.86 9.69
CA ASP A 129 -32.32 -13.62 10.62
C ASP A 129 -31.98 -13.19 12.03
N ASP A 130 -32.76 -12.27 12.60
CA ASP A 130 -32.44 -11.80 13.94
C ASP A 130 -32.73 -12.86 14.98
N ASP A 131 -33.61 -13.80 14.66
CA ASP A 131 -33.96 -14.85 15.61
C ASP A 131 -32.83 -15.87 15.76
N ARG A 132 -32.06 -16.12 14.70
CA ARG A 132 -30.98 -17.08 14.77
C ARG A 132 -29.60 -16.42 14.71
N GLN A 133 -29.54 -15.11 14.51
CA GLN A 133 -28.31 -14.35 14.35
C GLN A 133 -27.44 -14.94 13.23
N VAL A 134 -28.05 -15.00 12.04
CA VAL A 134 -27.37 -15.38 10.82
C VAL A 134 -27.68 -14.33 9.77
N THR A 135 -26.65 -13.93 9.03
CA THR A 135 -26.80 -13.07 7.87
C THR A 135 -25.91 -13.58 6.74
N GLY A 136 -26.16 -13.09 5.54
CA GLY A 136 -25.42 -13.58 4.38
C GLY A 136 -25.70 -12.71 3.17
N PHE A 137 -24.75 -12.70 2.24
CA PHE A 137 -24.86 -11.83 1.08
C PHE A 137 -24.25 -12.52 -0.14
N SER A 138 -24.58 -11.99 -1.32
CA SER A 138 -24.02 -12.45 -2.58
C SER A 138 -23.45 -11.26 -3.32
N ILE A 139 -22.32 -11.46 -3.99
CA ILE A 139 -21.77 -10.44 -4.88
C ILE A 139 -22.43 -10.61 -6.24
N ILE A 140 -23.08 -9.55 -6.75
CA ILE A 140 -23.82 -9.66 -8.01
C ILE A 140 -23.28 -8.72 -9.09
N GLY A 141 -22.17 -8.04 -8.84
CA GLY A 141 -21.55 -7.19 -9.84
C GLY A 141 -20.32 -6.54 -9.26
N GLY A 142 -19.65 -5.75 -10.10
CA GLY A 142 -18.48 -4.99 -9.69
C GLY A 142 -17.24 -5.40 -10.46
N GLU A 143 -16.15 -4.72 -10.15
CA GLU A 143 -14.85 -4.94 -10.77
C GLU A 143 -13.94 -5.65 -9.76
N HIS A 144 -13.73 -6.95 -9.97
CA HIS A 144 -13.00 -7.83 -9.06
C HIS A 144 -13.03 -9.23 -9.65
N ARG A 145 -12.36 -10.18 -9.00
CA ARG A 145 -12.23 -11.52 -9.50
C ARG A 145 -12.89 -12.55 -8.58
N LEU A 146 -13.91 -12.16 -7.83
CA LEU A 146 -14.64 -13.11 -6.98
C LEU A 146 -16.08 -13.25 -7.49
N ARG A 147 -16.22 -13.86 -8.67
CA ARG A 147 -17.52 -13.97 -9.29
C ARG A 147 -18.38 -15.03 -8.59
N ASN A 148 -19.65 -14.69 -8.35
CA ASN A 148 -20.59 -15.59 -7.70
C ASN A 148 -20.20 -15.88 -6.25
N TYR A 149 -19.47 -14.96 -5.63
CA TYR A 149 -19.17 -15.05 -4.21
C TYR A 149 -20.46 -15.03 -3.41
N ARG A 150 -20.66 -16.03 -2.55
CA ARG A 150 -21.80 -16.06 -1.63
C ARG A 150 -21.27 -16.41 -0.25
N SER A 151 -21.76 -15.71 0.77
CA SER A 151 -21.16 -15.80 2.11
C SER A 151 -22.25 -15.84 3.16
N VAL A 152 -21.98 -16.53 4.26
CA VAL A 152 -22.88 -16.57 5.40
C VAL A 152 -22.05 -16.34 6.65
N THR A 153 -22.58 -15.53 7.59
CA THR A 153 -21.98 -15.31 8.90
C THR A 153 -22.99 -15.70 9.96
N SER A 154 -22.56 -16.48 10.94
CA SER A 154 -23.44 -16.82 12.07
C SER A 154 -22.69 -16.56 13.37
N VAL A 155 -23.45 -16.14 14.38
CA VAL A 155 -22.92 -15.67 15.65
C VAL A 155 -23.43 -16.62 16.72
N HIS A 156 -22.54 -17.04 17.62
CA HIS A 156 -22.84 -18.09 18.59
C HIS A 156 -22.28 -17.69 19.95
N GLY A 157 -23.15 -17.67 20.95
CA GLY A 157 -22.75 -17.36 22.31
C GLY A 157 -22.36 -18.59 23.11
N PHE A 158 -21.39 -18.38 24.00
CA PHE A 158 -20.97 -19.40 24.96
C PHE A 158 -20.83 -18.76 26.33
N ASN A 159 -21.08 -19.55 27.36
CA ASN A 159 -20.92 -19.15 28.75
C ASN A 159 -20.19 -20.29 29.45
N ARG A 160 -18.97 -20.04 29.90
CA ARG A 160 -18.15 -21.07 30.54
C ARG A 160 -17.81 -20.59 31.94
N ASP A 161 -18.60 -21.02 32.94
CA ASP A 161 -18.43 -20.60 34.33
C ASP A 161 -18.53 -19.09 34.48
N GLY A 162 -19.60 -18.52 33.93
CA GLY A 162 -19.81 -17.09 33.96
C GLY A 162 -19.03 -16.31 32.93
N ALA A 163 -17.94 -16.86 32.39
CA ALA A 163 -17.18 -16.20 31.34
C ALA A 163 -17.97 -16.25 30.03
N ILE A 164 -18.24 -15.08 29.45
CA ILE A 164 -19.10 -14.95 28.26
C ILE A 164 -18.23 -14.61 27.07
N CYS A 165 -18.41 -15.35 25.98
CA CYS A 165 -17.72 -15.07 24.75
C CYS A 165 -18.61 -15.47 23.58
N THR A 166 -18.13 -15.16 22.39
CA THR A 166 -18.82 -15.40 21.15
C THR A 166 -17.84 -16.08 20.20
N VAL A 167 -18.35 -17.02 19.41
CA VAL A 167 -17.65 -17.51 18.23
C VAL A 167 -18.44 -17.09 17.00
N VAL A 168 -17.77 -16.44 16.05
CA VAL A 168 -18.35 -16.11 14.76
C VAL A 168 -17.89 -17.17 13.77
N LEU A 169 -18.82 -17.71 13.00
CA LEU A 169 -18.50 -18.58 11.89
C LEU A 169 -18.78 -17.81 10.62
N GLU A 170 -17.81 -17.81 9.71
CA GLU A 170 -18.01 -17.15 8.42
C GLU A 170 -17.52 -18.07 7.32
N SER A 171 -18.38 -18.37 6.37
CA SER A 171 -18.03 -19.19 5.22
C SER A 171 -18.34 -18.46 3.93
N TYR A 172 -17.84 -19.01 2.84
CA TYR A 172 -18.17 -18.49 1.52
C TYR A 172 -18.01 -19.61 0.52
N VAL A 173 -18.61 -19.42 -0.65
CA VAL A 173 -18.34 -20.19 -1.86
C VAL A 173 -18.10 -19.16 -2.96
N VAL A 174 -17.25 -19.51 -3.94
CA VAL A 174 -16.93 -18.55 -5.01
C VAL A 174 -16.38 -19.32 -6.20
N ASP A 175 -16.59 -18.76 -7.40
CA ASP A 175 -15.92 -19.27 -8.58
C ASP A 175 -14.41 -19.08 -8.50
N VAL A 176 -13.67 -20.12 -8.86
CA VAL A 176 -12.24 -19.99 -9.13
C VAL A 176 -12.05 -19.23 -10.44
N PRO A 177 -11.43 -18.05 -10.44
CA PRO A 177 -11.27 -17.29 -11.68
C PRO A 177 -10.26 -17.95 -12.61
N GLU A 178 -10.43 -17.71 -13.91
CA GLU A 178 -9.60 -18.36 -14.91
C GLU A 178 -8.14 -17.95 -14.73
N GLY A 179 -7.25 -18.92 -14.88
CA GLY A 179 -5.84 -18.71 -14.64
C GLY A 179 -5.38 -18.95 -13.22
N ASN A 180 -6.30 -19.22 -12.28
CA ASN A 180 -5.93 -19.48 -10.89
C ASN A 180 -6.45 -20.85 -10.48
N THR A 181 -5.91 -21.34 -9.36
CA THR A 181 -6.30 -22.59 -8.70
C THR A 181 -7.26 -22.32 -7.55
N GLU A 182 -7.92 -23.39 -7.11
CA GLU A 182 -8.67 -23.32 -5.86
C GLU A 182 -7.80 -22.84 -4.71
N GLU A 183 -6.55 -23.31 -4.65
CA GLU A 183 -5.70 -22.94 -3.53
C GLU A 183 -5.35 -21.46 -3.55
N ASP A 184 -5.01 -20.91 -4.73
CA ASP A 184 -4.84 -19.46 -4.89
C ASP A 184 -6.06 -18.71 -4.36
N THR A 185 -7.25 -19.16 -4.78
CA THR A 185 -8.48 -18.46 -4.47
C THR A 185 -8.75 -18.50 -2.97
N ARG A 186 -8.64 -19.68 -2.36
CA ARG A 186 -8.91 -19.77 -0.92
C ARG A 186 -7.86 -18.96 -0.15
N LEU A 187 -6.61 -18.98 -0.60
CA LEU A 187 -5.59 -18.20 0.08
C LEU A 187 -5.96 -16.72 0.08
N PHE A 188 -6.40 -16.19 -1.06
CA PHE A 188 -6.72 -14.77 -1.13
C PHE A 188 -7.97 -14.45 -0.33
N ALA A 189 -9.06 -15.17 -0.60
CA ALA A 189 -10.32 -14.91 0.12
C ALA A 189 -10.14 -15.14 1.61
N ASP A 190 -9.49 -16.25 1.99
CA ASP A 190 -9.29 -16.51 3.43
C ASP A 190 -8.51 -15.38 4.08
N THR A 191 -7.43 -14.93 3.42
CA THR A 191 -6.62 -13.86 3.99
C THR A 191 -7.47 -12.64 4.29
N VAL A 192 -8.36 -12.28 3.36
CA VAL A 192 -9.15 -11.08 3.57
C VAL A 192 -10.20 -11.31 4.67
N VAL A 193 -10.87 -12.45 4.64
CA VAL A 193 -11.93 -12.73 5.63
C VAL A 193 -11.34 -12.78 7.03
N LYS A 194 -10.21 -13.47 7.18
CA LYS A 194 -9.56 -13.56 8.49
C LYS A 194 -9.15 -12.17 8.99
N LEU A 195 -8.63 -11.31 8.10
CA LEU A 195 -8.29 -9.94 8.53
C LEU A 195 -9.53 -9.20 8.97
N ASN A 196 -10.62 -9.34 8.24
CA ASN A 196 -11.84 -8.65 8.61
C ASN A 196 -12.36 -9.16 9.94
N LEU A 197 -12.29 -10.47 10.16
CA LEU A 197 -12.70 -11.01 11.46
C LEU A 197 -11.84 -10.43 12.57
N GLN A 198 -10.55 -10.16 12.32
CA GLN A 198 -9.75 -9.55 13.37
C GLN A 198 -10.18 -8.12 13.67
N LYS A 199 -10.65 -7.39 12.67
CA LYS A 199 -11.22 -6.07 12.96
C LYS A 199 -12.48 -6.22 13.79
N LEU A 200 -13.35 -7.16 13.42
CA LEU A 200 -14.57 -7.37 14.20
C LEU A 200 -14.26 -7.63 15.68
N VAL A 201 -13.22 -8.43 15.95
CA VAL A 201 -12.80 -8.62 17.34
C VAL A 201 -12.58 -7.28 17.99
N SER A 202 -11.78 -6.44 17.33
CA SER A 202 -11.40 -5.18 17.95
C SER A 202 -12.64 -4.31 18.19
N VAL A 203 -13.49 -4.19 17.17
CA VAL A 203 -14.68 -3.35 17.31
C VAL A 203 -15.59 -3.88 18.41
N ALA A 204 -15.82 -5.20 18.45
CA ALA A 204 -16.79 -5.74 19.40
C ALA A 204 -16.25 -5.71 20.82
N GLU A 205 -14.99 -6.10 21.02
CA GLU A 205 -14.44 -6.08 22.38
C GLU A 205 -14.24 -4.66 22.89
N SER A 206 -14.13 -3.69 21.99
CA SER A 206 -14.07 -2.28 22.36
C SER A 206 -15.38 -1.79 22.98
N GLN A 207 -16.49 -2.46 22.70
CA GLN A 207 -17.82 -1.93 23.00
C GLN A 207 -18.44 -2.47 24.28
N CYS B 7 26.94 24.11 -5.36
CA CYS B 7 25.85 23.15 -5.61
C CYS B 7 24.51 23.88 -5.53
N ILE B 8 24.18 24.58 -6.61
CA ILE B 8 22.90 25.26 -6.75
C ILE B 8 21.85 24.22 -7.15
N PRO B 9 20.78 24.04 -6.37
CA PRO B 9 19.83 22.96 -6.67
C PRO B 9 18.90 23.40 -7.80
N LEU B 10 18.86 22.62 -8.87
CA LEU B 10 18.03 22.89 -10.05
C LEU B 10 17.01 21.77 -10.17
N TRP B 11 15.73 22.10 -10.01
CA TRP B 11 14.74 21.04 -10.07
C TRP B 11 13.40 21.60 -10.56
N GLY B 12 12.51 20.69 -10.94
CA GLY B 12 11.14 21.04 -11.29
C GLY B 12 10.27 19.84 -10.96
N VAL B 13 8.98 20.09 -10.77
CA VAL B 13 8.12 19.04 -10.26
C VAL B 13 6.74 19.15 -10.86
N VAL B 14 6.12 17.98 -11.12
CA VAL B 14 4.68 17.89 -11.39
C VAL B 14 4.09 16.73 -10.61
N SER B 15 2.96 16.93 -9.96
CA SER B 15 2.36 15.83 -9.22
C SER B 15 0.87 15.92 -9.49
N ILE B 16 0.36 14.96 -10.25
CA ILE B 16 -1.05 15.03 -10.67
C ILE B 16 -1.81 13.77 -10.24
N GLN B 17 -3.11 13.98 -10.03
CA GLN B 17 -4.06 12.92 -9.69
C GLN B 17 -4.43 12.10 -10.92
N GLY B 18 -4.64 12.80 -12.04
CA GLY B 18 -5.00 12.12 -13.28
C GLY B 18 -6.36 11.48 -13.16
N ASN B 19 -6.48 10.32 -13.77
CA ASN B 19 -7.79 9.68 -13.90
C ASN B 19 -8.30 9.05 -12.59
N ARG B 20 -7.53 9.04 -11.53
CA ARG B 20 -7.91 8.35 -10.31
C ARG B 20 -8.94 9.14 -9.49
N SER B 21 -9.75 8.42 -8.71
CA SER B 21 -10.75 9.08 -7.86
C SER B 21 -10.10 9.82 -6.69
N GLU B 22 -8.90 9.41 -6.29
CA GLU B 22 -8.17 10.00 -5.16
C GLU B 22 -6.75 10.36 -5.57
N MET B 23 -6.21 11.38 -4.90
CA MET B 23 -4.78 11.70 -5.01
C MET B 23 -4.06 11.06 -3.82
N GLU B 24 -3.18 10.09 -4.10
CA GLU B 24 -2.43 9.44 -3.04
C GLU B 24 -0.93 9.48 -3.23
N ASP B 25 -0.44 10.13 -4.29
CA ASP B 25 0.97 10.48 -4.45
C ASP B 25 1.24 11.70 -3.59
N ALA B 26 2.44 11.77 -3.02
CA ALA B 26 2.93 13.00 -2.43
C ALA B 26 4.40 13.13 -2.76
N PHE B 27 4.94 14.33 -2.56
CA PHE B 27 6.36 14.53 -2.82
C PHE B 27 6.86 15.61 -1.89
N ALA B 28 8.18 15.64 -1.70
CA ALA B 28 8.80 16.67 -0.88
C ALA B 28 10.09 17.12 -1.57
N VAL B 29 10.30 18.43 -1.60
CA VAL B 29 11.56 19.01 -2.04
C VAL B 29 12.02 19.97 -0.95
N SER B 30 13.23 19.75 -0.43
CA SER B 30 13.75 20.59 0.64
C SER B 30 15.17 20.96 0.26
N PRO B 31 15.36 22.08 -0.44
CA PRO B 31 16.70 22.46 -0.89
C PRO B 31 17.49 23.01 0.29
N HIS B 32 18.80 22.80 0.26
CA HIS B 32 19.65 23.32 1.33
C HIS B 32 19.21 22.80 2.69
N PHE B 33 18.72 21.57 2.74
CA PHE B 33 18.09 21.09 3.96
C PHE B 33 19.09 20.63 5.01
N LEU B 34 20.17 20.01 4.59
CA LEU B 34 21.09 19.31 5.49
C LEU B 34 22.49 19.85 5.29
N LYS B 35 23.22 19.93 6.39
CA LYS B 35 24.66 20.11 6.33
C LYS B 35 25.25 18.73 6.61
N LEU B 36 25.72 18.08 5.57
CA LEU B 36 26.23 16.72 5.69
C LEU B 36 27.69 16.76 6.13
N PRO B 37 28.04 16.12 7.24
CA PRO B 37 29.44 16.12 7.68
C PRO B 37 30.34 15.58 6.58
N ILE B 38 31.44 16.28 6.32
CA ILE B 38 32.26 15.96 5.16
C ILE B 38 32.81 14.54 5.26
N LYS B 39 32.97 14.01 6.47
CA LYS B 39 33.44 12.65 6.63
C LYS B 39 32.42 11.63 6.16
N MET B 40 31.14 12.00 6.09
CA MET B 40 30.18 11.05 5.54
C MET B 40 30.28 10.94 4.02
N LEU B 41 31.01 11.87 3.37
CA LEU B 41 31.11 11.88 1.92
C LEU B 41 32.49 11.55 1.40
N MET B 42 33.55 12.09 2.01
CA MET B 42 34.90 11.77 1.60
C MET B 42 35.66 11.11 2.73
N HIS B 54 31.65 20.52 6.16
CA HIS B 54 30.33 20.06 5.71
C HIS B 54 29.99 20.46 4.27
N LEU B 55 29.11 19.67 3.64
CA LEU B 55 28.52 20.02 2.36
C LEU B 55 27.02 20.15 2.53
N THR B 56 26.45 21.11 1.82
CA THR B 56 25.00 21.28 1.88
C THR B 56 24.33 20.19 1.07
N GLY B 57 23.27 19.60 1.65
CA GLY B 57 22.53 18.51 1.05
C GLY B 57 21.10 18.88 0.70
N HIS B 58 20.68 18.60 -0.53
CA HIS B 58 19.32 18.87 -0.96
C HIS B 58 18.52 17.58 -0.91
N PHE B 59 17.29 17.68 -0.40
CA PHE B 59 16.42 16.53 -0.23
C PHE B 59 15.30 16.51 -1.26
N PHE B 60 15.09 15.33 -1.86
CA PHE B 60 13.98 15.11 -2.77
C PHE B 60 13.32 13.77 -2.44
N GLY B 61 12.00 13.73 -2.44
CA GLY B 61 11.31 12.47 -2.13
C GLY B 61 9.99 12.39 -2.87
N VAL B 62 9.66 11.19 -3.35
CA VAL B 62 8.38 10.89 -3.96
C VAL B 62 7.78 9.69 -3.20
N TYR B 63 6.49 9.79 -2.91
CA TYR B 63 5.81 8.82 -2.05
C TYR B 63 4.51 8.44 -2.73
N ASP B 64 4.42 7.20 -3.17
CA ASP B 64 3.24 6.73 -3.91
C ASP B 64 2.38 5.94 -2.93
N GLY B 65 1.32 6.58 -2.41
CA GLY B 65 0.45 5.94 -1.45
C GLY B 65 -0.44 4.86 -2.07
N HIS B 66 -0.79 3.88 -1.23
CA HIS B 66 -1.77 2.87 -1.60
C HIS B 66 -2.65 2.54 -0.40
N GLY B 67 -3.92 2.22 -0.67
CA GLY B 67 -4.93 2.02 0.36
C GLY B 67 -5.47 3.30 0.99
N GLY B 68 -4.98 4.46 0.60
CA GLY B 68 -5.28 5.71 1.28
C GLY B 68 -4.17 6.70 1.04
N HIS B 69 -4.38 7.94 1.52
CA HIS B 69 -3.36 8.96 1.26
C HIS B 69 -2.51 9.31 2.49
N LYS B 70 -2.89 8.85 3.69
CA LYS B 70 -2.31 9.42 4.91
C LYS B 70 -0.87 8.97 5.15
N VAL B 71 -0.48 7.80 4.65
CA VAL B 71 0.93 7.41 4.85
C VAL B 71 1.83 8.20 3.90
N ALA B 72 1.44 8.37 2.64
CA ALA B 72 2.25 9.20 1.75
C ALA B 72 2.34 10.64 2.26
N ASP B 73 1.22 11.17 2.76
CA ASP B 73 1.24 12.53 3.29
C ASP B 73 2.18 12.62 4.49
N TYR B 74 2.18 11.58 5.33
CA TYR B 74 3.04 11.61 6.51
C TYR B 74 4.50 11.54 6.08
N CYS B 75 4.82 10.70 5.09
CA CYS B 75 6.20 10.68 4.59
C CYS B 75 6.60 12.06 4.08
N ARG B 76 5.72 12.70 3.32
CA ARG B 76 6.01 14.04 2.82
C ARG B 76 6.32 15.01 3.97
N ASP B 77 5.57 14.92 5.08
CA ASP B 77 5.74 15.90 6.13
C ASP B 77 6.87 15.56 7.08
N ARG B 78 7.26 14.28 7.17
CA ARG B 78 8.09 13.77 8.25
C ARG B 78 9.43 13.17 7.83
N LEU B 79 9.51 12.54 6.65
CA LEU B 79 10.63 11.61 6.46
C LEU B 79 11.97 12.33 6.44
N HIS B 80 12.03 13.50 5.81
CA HIS B 80 13.31 14.20 5.77
C HIS B 80 13.73 14.67 7.16
N PHE B 81 12.77 14.99 8.03
CA PHE B 81 13.14 15.33 9.40
C PHE B 81 13.63 14.10 10.16
N ALA B 82 13.05 12.92 9.89
CA ALA B 82 13.59 11.70 10.51
C ALA B 82 15.00 11.45 10.04
N LEU B 83 15.25 11.67 8.74
CA LEU B 83 16.59 11.56 8.19
C LEU B 83 17.56 12.51 8.89
N ALA B 84 17.17 13.79 9.03
CA ALA B 84 18.06 14.76 9.69
C ALA B 84 18.34 14.35 11.13
N GLU B 85 17.38 13.70 11.80
CA GLU B 85 17.60 13.27 13.16
C GLU B 85 18.62 12.14 13.24
N GLU B 86 18.63 11.23 12.25
CA GLU B 86 19.66 10.19 12.21
C GLU B 86 21.03 10.79 11.96
N ILE B 87 21.12 11.70 10.99
CA ILE B 87 22.40 12.34 10.72
C ILE B 87 22.91 13.10 11.94
N GLU B 88 22.01 13.81 12.65
CA GLU B 88 22.45 14.50 13.85
C GLU B 88 22.90 13.52 14.92
N ARG B 89 22.26 12.35 14.98
CA ARG B 89 22.68 11.32 15.94
C ARG B 89 24.14 10.98 15.72
N ILE B 90 24.48 10.54 14.51
CA ILE B 90 25.85 10.12 14.26
C ILE B 90 26.80 11.32 14.31
N LYS B 91 26.31 12.52 13.97
CA LYS B 91 27.13 13.72 14.11
C LYS B 91 27.58 13.93 15.54
N ASP B 92 26.72 13.60 16.51
CA ASP B 92 27.13 13.58 17.91
C ASP B 92 28.20 12.53 18.15
N GLU B 93 27.95 11.30 17.70
CA GLU B 93 28.94 10.22 17.87
C GLU B 93 30.31 10.65 17.37
N LEU B 94 30.42 10.95 16.09
CA LEU B 94 31.67 11.44 15.51
C LEU B 94 32.05 12.81 16.07
N GLN B 104 29.62 3.68 2.58
CA GLN B 104 28.46 3.03 2.00
C GLN B 104 27.64 2.40 3.11
N VAL B 105 28.33 1.72 4.02
CA VAL B 105 27.63 1.07 5.12
C VAL B 105 26.97 2.09 6.03
N GLN B 106 27.67 3.20 6.31
CA GLN B 106 27.07 4.26 7.13
C GLN B 106 25.77 4.76 6.51
N TRP B 107 25.78 4.99 5.19
CA TRP B 107 24.56 5.50 4.55
C TRP B 107 23.45 4.46 4.54
N ASP B 108 23.78 3.16 4.32
CA ASP B 108 22.77 2.10 4.46
C ASP B 108 22.11 2.15 5.83
N LYS B 109 22.92 2.31 6.88
CA LYS B 109 22.41 2.33 8.24
C LYS B 109 21.57 3.58 8.50
N VAL B 110 22.08 4.75 8.10
CA VAL B 110 21.31 5.98 8.28
C VAL B 110 19.94 5.85 7.61
N PHE B 111 19.91 5.47 6.33
CA PHE B 111 18.62 5.43 5.65
C PHE B 111 17.77 4.27 6.15
N THR B 112 18.37 3.15 6.51
CA THR B 112 17.56 2.06 7.03
C THR B 112 16.92 2.44 8.36
N SER B 113 17.69 3.08 9.26
CA SER B 113 17.11 3.60 10.50
C SER B 113 16.01 4.60 10.22
N CYS B 114 16.25 5.54 9.29
CA CYS B 114 15.23 6.53 8.98
C CYS B 114 13.93 5.86 8.51
N PHE B 115 14.04 4.91 7.56
CA PHE B 115 12.81 4.32 7.02
C PHE B 115 12.08 3.47 8.07
N LEU B 116 12.84 2.76 8.89
CA LEU B 116 12.25 1.93 9.95
C LEU B 116 11.58 2.79 11.00
N THR B 117 12.16 3.96 11.29
CA THR B 117 11.57 4.87 12.27
C THR B 117 10.24 5.40 11.75
N VAL B 118 10.21 5.81 10.48
CA VAL B 118 8.96 6.34 9.94
C VAL B 118 7.90 5.23 9.88
N ASP B 119 8.30 4.04 9.43
CA ASP B 119 7.36 2.91 9.43
C ASP B 119 6.80 2.66 10.85
N GLY B 120 7.67 2.70 11.86
CA GLY B 120 7.21 2.44 13.22
C GLY B 120 6.30 3.53 13.76
N GLU B 121 6.57 4.80 13.39
CA GLU B 121 5.66 5.88 13.77
C GLU B 121 4.29 5.70 13.13
N ILE B 122 4.28 5.38 11.83
CA ILE B 122 3.02 5.20 11.11
C ILE B 122 2.20 4.07 11.75
N GLU B 123 2.88 2.98 12.14
CA GLU B 123 2.20 1.80 12.69
C GLU B 123 1.72 2.00 14.14
N GLY B 124 2.04 3.13 14.77
CA GLY B 124 1.67 3.39 16.15
C GLY B 124 2.52 2.63 17.16
N LYS B 125 3.73 2.25 16.77
CA LYS B 125 4.62 1.46 17.62
C LYS B 125 5.85 2.23 18.09
N ILE B 126 6.12 3.40 17.49
CA ILE B 126 7.18 4.31 17.89
C ILE B 126 6.53 5.64 18.22
N GLY B 127 6.92 6.24 19.34
CA GLY B 127 6.31 7.49 19.75
C GLY B 127 6.69 8.62 18.81
N ARG B 128 5.72 9.48 18.52
CA ARG B 128 5.99 10.64 17.67
C ARG B 128 5.51 11.91 18.37
N ALA B 129 6.32 12.97 18.26
CA ALA B 129 6.07 14.20 19.01
C ALA B 129 5.04 15.10 18.34
N ASP B 135 6.25 15.72 25.34
CA ASP B 135 5.61 14.42 25.35
C ASP B 135 5.40 13.89 23.91
N LYS B 136 5.31 12.56 23.78
CA LYS B 136 5.17 11.91 22.48
C LYS B 136 3.99 10.94 22.52
N VAL B 137 3.26 10.85 21.42
CA VAL B 137 2.09 9.99 21.34
C VAL B 137 2.45 8.72 20.56
N LEU B 138 1.88 7.62 20.99
CA LEU B 138 1.98 6.35 20.30
C LEU B 138 0.61 6.14 19.66
N GLU B 139 0.47 6.48 18.38
CA GLU B 139 -0.82 6.38 17.71
C GLU B 139 -0.62 6.14 16.21
N ALA B 140 -1.36 5.18 15.67
CA ALA B 140 -1.24 4.90 14.24
C ALA B 140 -1.63 6.14 13.45
N VAL B 141 -0.87 6.40 12.38
CA VAL B 141 -1.11 7.53 11.49
C VAL B 141 -2.28 7.25 10.56
N ALA B 142 -2.47 5.99 10.21
CA ALA B 142 -3.44 5.58 9.20
C ALA B 142 -3.97 4.22 9.60
N SER B 143 -5.01 3.78 8.91
CA SER B 143 -5.49 2.43 9.11
C SER B 143 -4.40 1.41 8.72
N GLU B 144 -4.52 0.20 9.27
CA GLU B 144 -3.44 -0.77 9.12
C GLU B 144 -3.31 -1.28 7.70
N THR B 145 -4.22 -0.92 6.82
CA THR B 145 -4.13 -1.34 5.42
C THR B 145 -3.57 -0.24 4.52
N VAL B 146 -3.08 0.86 5.06
CA VAL B 146 -2.57 1.94 4.22
C VAL B 146 -1.05 1.88 4.18
N GLY B 147 -0.48 2.20 3.05
CA GLY B 147 0.96 2.30 3.01
C GLY B 147 1.44 3.27 1.93
N SER B 148 2.74 3.30 1.68
CA SER B 148 3.30 4.14 0.62
C SER B 148 4.63 3.56 0.18
N THR B 149 4.94 3.78 -1.10
CA THR B 149 6.34 3.73 -1.50
C THR B 149 7.09 4.95 -0.94
N ALA B 150 8.41 4.84 -0.99
CA ALA B 150 9.26 6.01 -0.79
C ALA B 150 10.49 5.85 -1.68
N VAL B 151 10.75 6.86 -2.47
CA VAL B 151 12.04 6.96 -3.11
C VAL B 151 12.58 8.34 -2.76
N VAL B 152 13.80 8.37 -2.24
CA VAL B 152 14.40 9.58 -1.66
C VAL B 152 15.79 9.76 -2.26
N ALA B 153 16.15 11.00 -2.58
CA ALA B 153 17.50 11.30 -3.06
C ALA B 153 18.04 12.47 -2.26
N LEU B 154 19.27 12.30 -1.78
CA LEU B 154 20.07 13.37 -1.23
C LEU B 154 21.08 13.75 -2.29
N VAL B 155 21.14 15.02 -2.66
CA VAL B 155 22.11 15.48 -3.65
C VAL B 155 23.02 16.50 -3.00
N CYS B 156 24.33 16.32 -3.14
CA CYS B 156 25.28 17.36 -2.76
C CYS B 156 26.31 17.49 -3.88
N SER B 157 27.30 18.37 -3.70
CA SER B 157 28.20 18.62 -4.83
C SER B 157 28.97 17.36 -5.23
N SER B 158 29.27 16.46 -4.28
CA SER B 158 30.17 15.33 -4.56
C SER B 158 29.46 14.00 -4.79
N HIS B 159 28.25 13.84 -4.27
CA HIS B 159 27.61 12.53 -4.19
C HIS B 159 26.12 12.65 -4.36
N ILE B 160 25.51 11.54 -4.77
CA ILE B 160 24.07 11.34 -4.75
C ILE B 160 23.80 10.13 -3.86
N VAL B 161 22.85 10.25 -2.94
CA VAL B 161 22.46 9.10 -2.12
C VAL B 161 20.99 8.86 -2.38
N VAL B 162 20.65 7.64 -2.80
CA VAL B 162 19.26 7.26 -3.05
C VAL B 162 18.88 6.12 -2.11
N SER B 163 17.70 6.22 -1.54
CA SER B 163 17.12 5.20 -0.69
C SER B 163 15.73 4.90 -1.23
N ASN B 164 15.41 3.64 -1.43
CA ASN B 164 14.14 3.28 -2.04
C ASN B 164 13.47 2.11 -1.35
N CYS B 165 12.16 2.21 -1.12
CA CYS B 165 11.39 1.02 -0.80
C CYS B 165 10.08 1.10 -1.55
N GLY B 166 9.84 0.11 -2.42
CA GLY B 166 8.64 0.10 -3.23
C GLY B 166 8.99 0.14 -4.69
N ASP B 167 8.06 0.60 -5.53
CA ASP B 167 8.26 0.59 -6.99
C ASP B 167 8.18 1.99 -7.59
N SER B 168 8.29 3.04 -6.76
CA SER B 168 8.73 4.31 -7.31
C SER B 168 10.24 4.20 -7.60
N ARG B 169 10.74 5.04 -8.50
CA ARG B 169 12.06 4.77 -9.04
C ARG B 169 12.84 6.07 -9.12
N ALA B 170 14.16 6.00 -8.91
CA ALA B 170 15.09 7.08 -9.19
C ALA B 170 16.01 6.60 -10.30
N VAL B 171 16.19 7.40 -11.34
CA VAL B 171 17.02 7.03 -12.47
C VAL B 171 18.00 8.18 -12.73
N LEU B 172 19.28 7.87 -12.79
CA LEU B 172 20.33 8.81 -13.12
C LEU B 172 20.68 8.69 -14.59
N PHE B 173 20.79 9.83 -15.25
CA PHE B 173 21.21 9.88 -16.64
C PHE B 173 22.65 10.36 -16.64
N ARG B 174 23.57 9.48 -17.03
CA ARG B 174 25.00 9.76 -16.97
C ARG B 174 25.58 9.48 -18.35
N GLY B 175 26.15 10.52 -18.95
CA GLY B 175 26.65 10.43 -20.31
C GLY B 175 25.48 10.14 -21.22
N LYS B 176 25.47 8.97 -21.84
CA LYS B 176 24.32 8.61 -22.67
C LYS B 176 23.57 7.40 -22.11
N GLU B 177 23.76 7.09 -20.82
CA GLU B 177 23.20 5.87 -20.23
C GLU B 177 22.27 6.21 -19.06
N ALA B 178 21.04 5.69 -19.09
CA ALA B 178 20.13 5.77 -17.95
C ALA B 178 20.50 4.66 -16.98
N MET B 179 20.77 5.04 -15.74
CA MET B 179 21.17 4.09 -14.70
C MET B 179 20.15 4.14 -13.60
N PRO B 180 19.27 3.15 -13.45
CA PRO B 180 18.38 3.15 -12.28
C PRO B 180 19.21 3.07 -11.01
N LEU B 181 18.87 3.92 -10.05
CA LEU B 181 19.53 3.92 -8.74
C LEU B 181 18.68 3.23 -7.69
N SER B 182 17.55 2.66 -8.08
CA SER B 182 16.67 1.91 -7.19
C SER B 182 16.27 0.66 -7.94
N VAL B 183 15.81 -0.37 -7.22
CA VAL B 183 15.27 -1.56 -7.85
C VAL B 183 13.85 -1.76 -7.35
N ASP B 184 12.92 -2.02 -8.27
CA ASP B 184 11.51 -2.07 -7.86
C ASP B 184 11.32 -3.26 -6.92
N HIS B 185 10.67 -3.01 -5.79
CA HIS B 185 10.37 -4.06 -4.82
C HIS B 185 9.02 -4.69 -5.16
N LYS B 186 9.03 -5.61 -6.15
CA LYS B 186 7.85 -6.35 -6.57
C LYS B 186 7.95 -7.79 -6.05
N PRO B 187 6.82 -8.40 -5.63
CA PRO B 187 6.88 -9.74 -4.98
C PRO B 187 7.34 -10.86 -5.88
N ASP B 188 7.39 -10.66 -7.20
CA ASP B 188 7.88 -11.73 -8.05
C ASP B 188 9.34 -11.57 -8.44
N ARG B 189 9.98 -10.50 -7.99
CA ARG B 189 11.44 -10.44 -8.05
C ARG B 189 11.98 -11.68 -7.34
N GLU B 190 12.96 -12.34 -7.97
CA GLU B 190 13.42 -13.63 -7.47
C GLU B 190 13.80 -13.57 -6.00
N ASP B 191 14.60 -12.56 -5.63
CA ASP B 191 15.07 -12.46 -4.26
C ASP B 191 13.94 -12.07 -3.29
N GLU B 192 13.01 -11.21 -3.72
CA GLU B 192 11.89 -10.81 -2.88
C GLU B 192 10.89 -11.95 -2.71
N TYR B 193 10.66 -12.71 -3.78
CA TYR B 193 9.81 -13.89 -3.67
C TYR B 193 10.35 -14.84 -2.61
N ALA B 194 11.66 -15.13 -2.68
CA ALA B 194 12.30 -16.02 -1.72
C ALA B 194 12.24 -15.44 -0.31
N ARG B 195 12.47 -14.13 -0.18
CA ARG B 195 12.43 -13.52 1.14
C ARG B 195 11.06 -13.67 1.79
N ILE B 196 10.01 -13.37 1.03
CA ILE B 196 8.64 -13.46 1.54
C ILE B 196 8.30 -14.89 1.92
N GLU B 197 8.62 -15.86 1.05
CA GLU B 197 8.28 -17.24 1.38
C GLU B 197 9.15 -17.73 2.55
N ASN B 198 10.40 -17.27 2.65
CA ASN B 198 11.19 -17.65 3.82
C ASN B 198 10.61 -17.08 5.11
N ALA B 199 10.00 -15.90 5.06
CA ALA B 199 9.34 -15.34 6.21
C ALA B 199 7.99 -15.99 6.51
N GLY B 200 7.58 -16.99 5.72
CA GLY B 200 6.30 -17.65 5.91
C GLY B 200 5.16 -17.10 5.07
N GLY B 201 5.39 -16.10 4.25
CA GLY B 201 4.34 -15.53 3.43
C GLY B 201 4.15 -16.31 2.15
N LYS B 202 3.21 -15.84 1.33
CA LYS B 202 2.90 -16.47 0.06
C LYS B 202 2.68 -15.38 -0.98
N VAL B 203 3.14 -15.64 -2.19
CA VAL B 203 2.94 -14.74 -3.31
C VAL B 203 2.14 -15.48 -4.35
N ILE B 204 1.05 -14.88 -4.84
CA ILE B 204 0.32 -15.53 -5.92
C ILE B 204 0.05 -14.52 -7.02
N GLN B 205 -0.13 -15.04 -8.22
CA GLN B 205 -0.45 -14.25 -9.39
C GLN B 205 -1.94 -14.01 -9.37
N TRP B 206 -2.35 -12.79 -9.04
CA TRP B 206 -3.77 -12.48 -8.90
C TRP B 206 -3.94 -11.02 -9.33
N GLN B 207 -4.06 -10.81 -10.64
CA GLN B 207 -3.93 -9.47 -11.20
C GLN B 207 -2.56 -8.90 -10.86
N GLY B 208 -1.54 -9.63 -11.25
CA GLY B 208 -0.16 -9.30 -10.93
C GLY B 208 0.30 -10.08 -9.72
N ALA B 209 1.61 -10.18 -9.56
CA ALA B 209 2.14 -10.88 -8.40
C ALA B 209 1.81 -10.10 -7.13
N ARG B 210 1.19 -10.76 -6.14
CA ARG B 210 0.72 -10.06 -4.95
C ARG B 210 0.99 -10.88 -3.68
N VAL B 211 1.36 -10.18 -2.61
CA VAL B 211 1.52 -10.82 -1.30
C VAL B 211 0.15 -11.22 -0.79
N PHE B 212 -0.04 -12.53 -0.62
CA PHE B 212 -1.32 -13.16 -0.26
C PHE B 212 -2.42 -12.82 -1.25
N GLY B 213 -2.08 -12.46 -2.49
CA GLY B 213 -3.04 -12.00 -3.47
C GLY B 213 -3.54 -10.59 -3.27
N VAL B 214 -3.03 -9.88 -2.27
CA VAL B 214 -3.55 -8.55 -1.94
C VAL B 214 -2.64 -7.44 -2.47
N LEU B 215 -1.40 -7.36 -1.98
CA LEU B 215 -0.55 -6.19 -2.25
C LEU B 215 0.46 -6.50 -3.33
N ALA B 216 0.50 -5.66 -4.36
CA ALA B 216 1.43 -5.84 -5.48
C ALA B 216 2.78 -5.18 -5.21
N MET B 217 3.30 -5.34 -4.00
CA MET B 217 4.56 -4.72 -3.63
C MET B 217 5.14 -5.55 -2.49
N SER B 218 6.46 -5.61 -2.44
CA SER B 218 7.12 -6.44 -1.43
C SER B 218 7.75 -5.62 -0.32
N ARG B 219 7.90 -4.30 -0.49
CA ARG B 219 8.39 -3.42 0.55
C ARG B 219 7.64 -2.10 0.44
N SER B 220 7.54 -1.41 1.56
CA SER B 220 6.69 -0.24 1.65
C SER B 220 6.90 0.40 3.02
N ILE B 221 6.38 1.61 3.16
CA ILE B 221 6.23 2.23 4.47
C ILE B 221 4.76 2.05 4.86
N GLY B 222 4.51 1.71 6.12
CA GLY B 222 3.15 1.40 6.54
C GLY B 222 2.75 -0.06 6.37
N ASP B 223 1.55 -0.33 5.84
CA ASP B 223 1.06 -1.71 5.60
C ASP B 223 1.29 -2.59 6.84
N ARG B 224 0.85 -2.07 7.99
CA ARG B 224 0.97 -2.79 9.25
C ARG B 224 0.43 -4.21 9.14
N TYR B 225 -0.67 -4.39 8.38
CA TYR B 225 -1.32 -5.70 8.34
C TYR B 225 -0.44 -6.75 7.69
N LEU B 226 0.59 -6.36 6.93
CA LEU B 226 1.42 -7.31 6.21
C LEU B 226 2.83 -7.38 6.76
N LYS B 227 3.08 -6.79 7.92
CA LYS B 227 4.29 -7.11 8.64
C LYS B 227 4.22 -8.60 9.04
N PRO B 228 5.32 -9.36 8.94
CA PRO B 228 6.69 -9.06 8.53
C PRO B 228 6.99 -9.47 7.09
N TYR B 229 5.97 -9.59 6.24
CA TYR B 229 6.23 -9.94 4.84
C TYR B 229 6.62 -8.70 4.02
N VAL B 230 5.94 -7.59 4.22
CA VAL B 230 6.17 -6.34 3.51
C VAL B 230 6.96 -5.43 4.45
N ILE B 231 8.23 -5.23 4.16
CA ILE B 231 9.11 -4.62 5.15
C ILE B 231 9.48 -3.22 4.66
N PRO B 232 9.93 -2.33 5.54
CA PRO B 232 10.36 -1.00 5.10
C PRO B 232 11.84 -0.87 4.77
N GLU B 233 12.64 -1.93 4.96
CA GLU B 233 14.07 -1.82 4.73
C GLU B 233 14.31 -1.34 3.30
N PRO B 234 15.00 -0.23 3.09
CA PRO B 234 15.24 0.26 1.74
C PRO B 234 16.48 -0.34 1.08
N GLU B 235 16.50 -0.19 -0.25
CA GLU B 235 17.73 -0.36 -1.02
C GLU B 235 18.44 0.98 -1.04
N VAL B 236 19.72 1.04 -0.65
CA VAL B 236 20.41 2.32 -0.55
C VAL B 236 21.59 2.35 -1.50
N THR B 237 21.73 3.43 -2.26
CA THR B 237 22.79 3.59 -3.25
C THR B 237 23.56 4.87 -2.95
N PHE B 238 24.86 4.75 -2.81
CA PHE B 238 25.77 5.86 -2.55
C PHE B 238 26.61 6.02 -3.81
N MET B 239 26.43 7.14 -4.51
CA MET B 239 26.89 7.31 -5.90
C MET B 239 27.82 8.54 -5.95
N PRO B 240 29.13 8.40 -6.20
CA PRO B 240 29.92 9.60 -6.51
C PRO B 240 29.38 10.27 -7.76
N ARG B 241 29.34 11.59 -7.75
CA ARG B 241 28.91 12.33 -8.92
C ARG B 241 30.01 12.34 -9.97
N SER B 242 29.61 12.57 -11.21
CA SER B 242 30.55 12.61 -12.33
C SER B 242 30.27 13.83 -13.21
N ARG B 243 31.32 14.37 -13.85
CA ARG B 243 31.11 15.47 -14.77
C ARG B 243 30.19 15.09 -15.92
N GLU B 244 30.04 13.80 -16.19
CA GLU B 244 29.14 13.34 -17.25
C GLU B 244 27.68 13.27 -16.80
N ASP B 245 27.39 13.48 -15.52
CA ASP B 245 26.01 13.44 -15.04
C ASP B 245 25.17 14.49 -15.74
N GLU B 246 23.97 14.09 -16.16
CA GLU B 246 23.06 14.99 -16.85
C GLU B 246 21.87 15.38 -15.99
N CYS B 247 21.07 14.41 -15.56
CA CYS B 247 19.92 14.71 -14.73
C CYS B 247 19.58 13.48 -13.87
N LEU B 248 18.75 13.70 -12.85
CA LEU B 248 18.26 12.65 -11.98
C LEU B 248 16.76 12.82 -11.96
N ILE B 249 16.04 11.72 -12.14
CA ILE B 249 14.58 11.75 -12.20
C ILE B 249 14.06 10.79 -11.12
N LEU B 250 13.20 11.30 -10.24
CA LEU B 250 12.42 10.52 -9.28
C LEU B 250 10.97 10.59 -9.71
N ALA B 251 10.30 9.42 -9.78
CA ALA B 251 8.90 9.44 -10.15
C ALA B 251 8.19 8.21 -9.61
N SER B 252 6.88 8.35 -9.46
CA SER B 252 6.02 7.22 -9.18
C SER B 252 5.81 6.39 -10.46
N ASP B 253 5.32 5.17 -10.28
CA ASP B 253 5.11 4.30 -11.42
C ASP B 253 3.99 4.79 -12.31
N GLY B 254 3.31 5.87 -11.95
CA GLY B 254 2.43 6.50 -12.91
C GLY B 254 3.16 6.92 -14.20
N LEU B 255 4.43 7.25 -14.07
CA LEU B 255 5.29 7.54 -15.21
C LEU B 255 5.87 6.25 -15.78
N TRP B 256 6.54 5.44 -14.90
CA TRP B 256 7.35 4.33 -15.39
C TRP B 256 6.52 3.22 -15.98
N ASP B 257 5.23 3.10 -15.61
CA ASP B 257 4.38 2.07 -16.18
C ASP B 257 4.15 2.27 -17.66
N VAL B 258 4.30 3.49 -18.18
CA VAL B 258 4.05 3.75 -19.59
C VAL B 258 5.28 4.23 -20.35
N MET B 259 6.42 4.48 -19.69
CA MET B 259 7.57 5.02 -20.37
C MET B 259 8.85 4.32 -19.90
N ASN B 260 9.78 4.16 -20.84
CA ASN B 260 11.04 3.46 -20.64
C ASN B 260 12.05 4.38 -19.91
N ASN B 261 12.91 3.79 -19.05
CA ASN B 261 13.90 4.58 -18.28
C ASN B 261 14.74 5.47 -19.20
N GLN B 262 15.32 4.85 -20.25
CA GLN B 262 16.23 5.57 -21.13
C GLN B 262 15.50 6.71 -21.83
N GLU B 263 14.29 6.43 -22.35
CA GLU B 263 13.56 7.46 -23.07
C GLU B 263 13.18 8.61 -22.14
N VAL B 264 12.77 8.32 -20.91
CA VAL B 264 12.42 9.37 -19.96
C VAL B 264 13.60 10.29 -19.73
N CYS B 265 14.78 9.72 -19.44
CA CYS B 265 15.97 10.54 -19.18
C CYS B 265 16.34 11.40 -20.39
N GLU B 266 16.32 10.79 -21.58
CA GLU B 266 16.70 11.51 -22.80
C GLU B 266 15.75 12.66 -23.05
N ILE B 267 14.45 12.42 -22.88
CA ILE B 267 13.46 13.45 -23.08
C ILE B 267 13.69 14.57 -22.09
N ALA B 268 13.96 14.24 -20.83
CA ALA B 268 14.18 15.29 -19.83
C ALA B 268 15.39 16.15 -20.22
N ARG B 269 16.50 15.51 -20.59
CA ARG B 269 17.67 16.27 -21.04
C ARG B 269 17.35 17.12 -22.26
N ARG B 270 16.67 16.55 -23.27
CA ARG B 270 16.32 17.28 -24.47
C ARG B 270 15.47 18.51 -24.15
N ARG B 271 14.48 18.35 -23.26
CA ARG B 271 13.60 19.47 -22.93
C ARG B 271 14.33 20.55 -22.15
N ILE B 272 15.20 20.14 -21.23
CA ILE B 272 16.05 21.10 -20.54
C ILE B 272 16.88 21.91 -21.53
N LEU B 273 17.55 21.24 -22.47
CA LEU B 273 18.40 21.92 -23.47
C LEU B 273 17.58 22.81 -24.41
N MET B 274 16.38 22.37 -24.78
CA MET B 274 15.48 23.20 -25.59
C MET B 274 15.15 24.51 -24.86
N TRP B 275 14.87 24.43 -23.56
CA TRP B 275 14.56 25.63 -22.79
C TRP B 275 15.74 26.58 -22.83
N HIS B 276 16.94 26.07 -22.57
CA HIS B 276 18.12 26.92 -22.53
C HIS B 276 18.43 27.52 -23.89
N LYS B 277 18.32 26.72 -24.95
CA LYS B 277 18.53 27.24 -26.29
C LYS B 277 17.63 28.44 -26.57
N LYS B 278 16.38 28.39 -26.13
CA LYS B 278 15.43 29.43 -26.47
C LYS B 278 15.49 30.61 -25.52
N ASN B 279 15.79 30.37 -24.24
CA ASN B 279 15.64 31.36 -23.19
C ASN B 279 16.93 31.83 -22.55
N GLY B 280 18.03 31.11 -22.71
CA GLY B 280 19.24 31.40 -21.96
C GLY B 280 19.03 31.05 -20.49
N ALA B 281 20.09 31.29 -19.67
CA ALA B 281 19.85 30.85 -18.29
C ALA B 281 19.39 32.02 -17.41
N PRO B 282 18.69 31.77 -16.32
CA PRO B 282 18.24 32.86 -15.45
C PRO B 282 19.43 33.50 -14.75
N PRO B 283 19.27 34.72 -14.22
CA PRO B 283 20.36 35.33 -13.44
C PRO B 283 20.72 34.40 -12.29
N LEU B 284 22.02 34.08 -12.19
CA LEU B 284 22.45 33.08 -11.21
C LEU B 284 22.10 33.49 -9.79
N ALA B 285 21.92 34.79 -9.52
CA ALA B 285 21.48 35.20 -8.19
C ALA B 285 20.10 34.65 -7.89
N GLU B 286 19.28 34.43 -8.91
CA GLU B 286 17.93 33.92 -8.74
C GLU B 286 17.86 32.38 -8.72
N ARG B 287 18.90 31.70 -9.21
CA ARG B 287 18.82 30.25 -9.33
C ARG B 287 18.97 29.60 -7.96
N GLY B 288 18.38 28.40 -7.82
CA GLY B 288 18.35 27.72 -6.55
C GLY B 288 17.23 28.17 -5.63
N LYS B 289 16.48 29.21 -6.00
CA LYS B 289 15.31 29.65 -5.24
C LYS B 289 14.09 29.20 -6.03
N GLY B 290 13.48 28.11 -5.60
CA GLY B 290 12.32 27.61 -6.27
C GLY B 290 12.68 26.79 -7.50
N ILE B 291 11.68 26.54 -8.35
CA ILE B 291 11.90 25.62 -9.44
C ILE B 291 12.81 26.28 -10.48
N ASP B 292 13.52 25.48 -11.17
CA ASP B 292 14.27 25.85 -12.36
C ASP B 292 13.37 25.75 -13.60
N PRO B 293 13.22 26.81 -14.38
CA PRO B 293 12.26 26.78 -15.49
C PRO B 293 12.53 25.65 -16.47
N ALA B 294 13.80 25.38 -16.78
CA ALA B 294 14.09 24.29 -17.72
C ALA B 294 13.68 22.93 -17.15
N CYS B 295 14.01 22.66 -15.86
CA CYS B 295 13.57 21.40 -15.26
C CYS B 295 12.05 21.29 -15.20
N GLN B 296 11.37 22.42 -14.92
CA GLN B 296 9.91 22.42 -14.86
C GLN B 296 9.32 22.13 -16.23
N ALA B 297 9.90 22.69 -17.29
CA ALA B 297 9.44 22.40 -18.66
C ALA B 297 9.59 20.90 -18.94
N ALA B 298 10.69 20.31 -18.50
CA ALA B 298 10.89 18.86 -18.69
C ALA B 298 9.85 18.04 -17.89
N ALA B 299 9.64 18.36 -16.60
CA ALA B 299 8.65 17.63 -15.81
C ALA B 299 7.24 17.79 -16.41
N ASP B 300 6.90 19.00 -16.84
CA ASP B 300 5.61 19.26 -17.49
C ASP B 300 5.44 18.38 -18.72
N TYR B 301 6.45 18.39 -19.60
CA TYR B 301 6.40 17.61 -20.81
C TYR B 301 6.26 16.11 -20.50
N LEU B 302 7.07 15.60 -19.56
CA LEU B 302 6.98 14.18 -19.24
C LEU B 302 5.61 13.82 -18.70
N SER B 303 5.04 14.66 -17.82
CA SER B 303 3.73 14.32 -17.27
C SER B 303 2.66 14.35 -18.36
N MET B 304 2.77 15.29 -19.31
CA MET B 304 1.82 15.34 -20.42
C MET B 304 1.94 14.09 -21.29
N LEU B 305 3.18 13.64 -21.55
CA LEU B 305 3.39 12.44 -22.36
C LEU B 305 2.77 11.23 -21.67
N ALA B 306 2.99 11.12 -20.36
CA ALA B 306 2.47 9.97 -19.63
C ALA B 306 0.95 9.91 -19.75
N LEU B 307 0.28 11.06 -19.66
CA LEU B 307 -1.17 11.11 -19.82
C LEU B 307 -1.59 10.77 -21.25
N GLN B 308 -0.85 11.31 -22.22
CA GLN B 308 -1.13 11.03 -23.63
C GLN B 308 -0.93 9.55 -23.97
N LYS B 309 0.01 8.88 -23.30
CA LYS B 309 0.21 7.43 -23.46
C LYS B 309 -0.82 6.61 -22.68
N GLY B 310 -1.74 7.26 -22.00
CA GLY B 310 -2.84 6.55 -21.39
C GLY B 310 -2.61 6.12 -19.96
N SER B 311 -1.61 6.67 -19.27
CA SER B 311 -1.50 6.41 -17.83
C SER B 311 -2.77 6.87 -17.13
N LYS B 312 -3.43 5.95 -16.40
CA LYS B 312 -4.63 6.26 -15.65
C LYS B 312 -4.36 6.41 -14.16
N ASP B 313 -3.10 6.57 -13.78
CA ASP B 313 -2.71 6.61 -12.37
C ASP B 313 -2.40 8.03 -11.94
N ASN B 314 -2.22 8.23 -10.62
CA ASN B 314 -1.50 9.40 -10.12
C ASN B 314 -0.09 9.37 -10.73
N ILE B 315 0.43 10.52 -11.08
CA ILE B 315 1.78 10.66 -11.69
C ILE B 315 2.52 11.79 -10.99
N SER B 316 3.69 11.48 -10.43
CA SER B 316 4.51 12.47 -9.74
C SER B 316 5.93 12.34 -10.24
N ILE B 317 6.53 13.48 -10.62
CA ILE B 317 7.84 13.49 -11.28
C ILE B 317 8.62 14.65 -10.69
N ILE B 318 9.86 14.38 -10.29
CA ILE B 318 10.85 15.42 -9.96
C ILE B 318 11.98 15.28 -10.95
N VAL B 319 12.30 16.34 -11.68
CA VAL B 319 13.44 16.38 -12.61
C VAL B 319 14.50 17.27 -11.99
N ILE B 320 15.71 16.74 -11.85
CA ILE B 320 16.86 17.41 -11.23
C ILE B 320 17.96 17.53 -12.27
N ASP B 321 18.35 18.75 -12.60
CA ASP B 321 19.40 19.00 -13.56
C ASP B 321 20.74 18.94 -12.82
N LEU B 322 21.62 18.03 -13.20
CA LEU B 322 22.91 17.89 -12.53
C LEU B 322 24.09 18.59 -13.21
N LYS B 323 23.88 19.25 -14.35
CA LYS B 323 24.94 20.03 -14.99
C LYS B 323 25.03 21.41 -14.37
N ALA B 324 26.24 21.84 -14.04
CA ALA B 324 26.45 23.20 -13.55
C ALA B 324 26.03 24.25 -14.58
N GLN B 325 26.36 24.02 -15.86
CA GLN B 325 26.07 24.98 -16.90
C GLN B 325 25.74 24.24 -18.18
N ARG B 326 24.92 24.88 -19.02
CA ARG B 326 24.57 24.31 -20.31
C ARG B 326 24.71 25.33 -21.45
C1 A1IRN C . -16.13 -5.72 -0.71
O1 A1IRN C . -16.08 -6.37 2.05
C2 A1IRN C . -15.16 -6.50 -1.56
N2 A1IRN C . -11.68 -9.28 -4.61
C3 A1IRN C . -15.59 -7.17 -2.70
C4 A1IRN C . -14.68 -7.89 -3.48
C6 A1IRN C . -12.90 -7.32 -1.95
C7 A1IRN C . -13.82 -6.57 -1.20
C8 A1IRN C . -11.50 -7.57 -1.42
C9 A1IRN C . -10.37 -6.67 -1.82
C11 A1IRN C . -12.41 -8.70 -3.93
C12 A1IRN C . -15.93 -8.73 1.01
C13 A1IRN C . -16.23 -9.55 -0.07
C14 A1IRN C . -15.45 -10.67 -0.30
C15 A1IRN C . -14.37 -10.98 0.52
C16 A1IRN C . -14.09 -10.14 1.58
C10 A1IRN C . -10.88 -6.62 -0.44
C17 A1IRN C . -14.86 -9.03 1.85
C18 A1IRN C . -13.54 -12.21 0.27
C5 A1IRN C . -13.34 -7.97 -3.11
N1 A1IRN C . -17.17 -6.57 -0.11
O2 A1IRN C . -18.14 -7.70 1.84
S1 A1IRN C . -16.89 -7.28 1.31
H1A A1IRN C . -15.59 -5.19 0.08
H1B A1IRN C . -16.61 -4.94 -1.31
H3 A1IRN C . -16.63 -7.14 -3.00
H4 A1IRN C . -15.03 -8.40 -4.37
H7 A1IRN C . -13.48 -6.03 -0.33
H8 A1IRN C . -11.27 -8.64 -1.30
H9A A1IRN C . -10.54 -5.85 -2.52
H9B A1IRN C . -9.39 -7.08 -2.04
H13 A1IRN C . -17.07 -9.32 -0.72
H14 A1IRN C . -15.68 -11.31 -1.15
H16 A1IRN C . -13.24 -10.37 2.23
H10A A1IRN C . -10.29 -7.00 0.39
H10B A1IRN C . -11.45 -5.77 -0.08
H17 A1IRN C . -14.64 -8.40 2.71
H16C A1IRN C . -13.94 -12.77 -0.58
H16B A1IRN C . -13.55 -12.86 1.14
H16A A1IRN C . -12.51 -11.93 0.05
H1 A1IRN C . -18.03 -6.64 -0.65
MN MN D . 5.49 -1.72 7.96
MN MN E . -0.98 4.85 -5.46
MN MN F . 1.02 4.27 -8.46
CL CL G . -9.75 5.27 -8.83
CL CL H . 11.36 25.33 -24.61
CL CL I . -5.71 7.23 4.36
CL CL J . 4.97 -14.97 -8.74
#